data_1EZQ
#
_entry.id   1EZQ
#
_cell.length_a   56.196
_cell.length_b   71.922
_cell.length_c   78.587
_cell.angle_alpha   90.00
_cell.angle_beta   90.00
_cell.angle_gamma   90.00
#
_symmetry.space_group_name_H-M   'P 21 21 21'
#
loop_
_entity.id
_entity.type
_entity.pdbx_description
1 polymer 'COAGULATION FACTOR XA'
2 polymer 'COAGULATION FACTOR XA'
3 non-polymer 'CALCIUM ION'
4 non-polymer "3-[(3'-AMINOMETHYL-BIPHENYL-4-CARBONYL)-AMINO]-2-(3-CARBAMIMIDOYL-BENZYL)-BUTYRIC ACID METHYL ESTER"
5 water water
#
loop_
_entity_poly.entity_id
_entity_poly.type
_entity_poly.pdbx_seq_one_letter_code
_entity_poly.pdbx_strand_id
1 'polypeptide(L)'
;IVGGQECKDGECPWQALLINEENEGFCGGTILSEFYILTAAHCLYQAKRFKVRVGDRNTEQEEGGEAVHEVEVVIKHNRF
TKETYDFDIAVLRLKTPITFRMNVAPACLPERDWAESTLMTQKTGIVSGFGRTHEKGRQSTRLKMLEVPYVDRNSCKLSS
SFIITQNMFCAGYDTKQEDACQGDSGGPHVTRFKDTYFVTGIVSWGEGCARKGKYGIYTKVTAFLKWIDRSMKTRGLPKA
KSHAPEVITSSPLK
;
A
2 'polypeptide(L)'
;EEMKKGHLERECMEETCSYEEAREVFEDSDKTNEFWNKYKDGDQCETSPCQNQGKCKDGLGEYTCTCLEGFEGKNCELFT
RKLCSLDNGDCDQFCHEEQNSVVCSCARGYTLADNGKACIPTGPYPCGKQTLER
;
B
#
# COMPACT_ATOMS: atom_id res chain seq x y z
N ILE A 1 -5.06 -5.20 11.79
CA ILE A 1 -4.51 -6.52 11.35
C ILE A 1 -4.85 -7.62 12.33
N VAL A 2 -5.46 -8.68 11.82
CA VAL A 2 -5.83 -9.83 12.62
C VAL A 2 -4.83 -10.94 12.36
N GLY A 3 -4.45 -11.62 13.43
CA GLY A 3 -3.48 -12.70 13.30
C GLY A 3 -2.21 -12.36 12.55
N GLY A 4 -1.79 -11.11 12.55
CA GLY A 4 -0.58 -10.78 11.82
C GLY A 4 0.74 -11.05 12.54
N GLN A 5 1.66 -10.12 12.36
CA GLN A 5 2.98 -10.15 12.98
C GLN A 5 3.39 -8.70 13.20
N GLU A 6 4.26 -8.48 14.16
CA GLU A 6 4.73 -7.13 14.42
C GLU A 6 5.69 -6.71 13.31
N CYS A 7 5.58 -5.47 12.85
CA CYS A 7 6.51 -4.99 11.83
C CYS A 7 7.77 -4.76 12.66
N LYS A 8 8.86 -5.41 12.31
CA LYS A 8 10.08 -5.19 13.06
C LYS A 8 10.74 -3.92 12.52
N ASP A 9 11.72 -3.42 13.25
CA ASP A 9 12.45 -2.21 12.91
C ASP A 9 12.82 -2.07 11.43
N GLY A 10 12.23 -1.06 10.79
CA GLY A 10 12.50 -0.78 9.39
C GLY A 10 11.89 -1.73 8.37
N GLU A 11 10.95 -2.57 8.81
CA GLU A 11 10.29 -3.53 7.93
C GLU A 11 9.15 -2.93 7.12
N CYS A 12 8.41 -2.00 7.71
CA CYS A 12 7.28 -1.36 7.04
C CYS A 12 7.41 0.17 7.03
N PRO A 13 8.52 0.68 6.47
CA PRO A 13 8.81 2.12 6.40
C PRO A 13 7.91 2.99 5.54
N TRP A 14 7.09 2.40 4.71
CA TRP A 14 6.20 3.17 3.83
C TRP A 14 4.85 3.42 4.48
N GLN A 15 4.70 2.91 5.69
CA GLN A 15 3.46 3.04 6.46
C GLN A 15 3.28 4.42 7.10
N ALA A 16 2.14 5.04 6.85
CA ALA A 16 1.81 6.34 7.40
C ALA A 16 0.55 6.12 8.22
N LEU A 17 0.23 7.08 9.08
CA LEU A 17 -0.95 6.96 9.92
C LEU A 17 -1.65 8.30 10.01
N LEU A 18 -2.94 8.29 9.70
CA LEU A 18 -3.74 9.50 9.77
C LEU A 18 -4.25 9.59 11.21
N ILE A 19 -3.97 10.72 11.85
CA ILE A 19 -4.39 10.95 13.24
C ILE A 19 -5.31 12.15 13.32
N ASN A 20 -6.31 12.06 14.19
CA ASN A 20 -7.25 13.16 14.37
C ASN A 20 -6.69 14.12 15.40
N GLU A 21 -7.39 15.23 15.64
CA GLU A 21 -6.94 16.24 16.60
C GLU A 21 -6.67 15.66 17.97
N GLU A 22 -7.31 14.54 18.26
CA GLU A 22 -7.13 13.88 19.54
C GLU A 22 -5.87 13.02 19.51
N ASN A 23 -5.14 13.09 18.40
CA ASN A 23 -3.90 12.32 18.21
C ASN A 23 -4.16 10.82 18.13
N GLU A 24 -5.39 10.43 17.82
CA GLU A 24 -5.73 9.01 17.70
C GLU A 24 -5.67 8.63 16.23
N GLY A 25 -5.02 7.51 15.93
CA GLY A 25 -4.93 7.08 14.55
C GLY A 25 -6.27 6.49 14.13
N PHE A 26 -6.70 6.76 12.90
CA PHE A 26 -7.97 6.22 12.45
C PHE A 26 -7.91 5.59 11.06
N CYS A 27 -6.78 5.76 10.38
CA CYS A 27 -6.61 5.19 9.05
C CYS A 27 -5.14 5.08 8.71
N GLY A 28 -4.82 4.24 7.72
CA GLY A 28 -3.46 4.07 7.28
C GLY A 28 -3.21 4.85 6.00
N GLY A 29 -1.98 4.77 5.50
CA GLY A 29 -1.62 5.46 4.28
C GLY A 29 -0.30 4.90 3.82
N THR A 30 0.13 5.22 2.61
CA THR A 30 1.39 4.73 2.09
C THR A 30 2.19 5.92 1.60
N ILE A 31 3.46 5.96 1.99
CA ILE A 31 4.34 7.04 1.56
C ILE A 31 4.72 6.77 0.11
N LEU A 32 4.39 7.71 -0.76
CA LEU A 32 4.68 7.59 -2.19
C LEU A 32 5.95 8.33 -2.58
N SER A 33 6.24 9.40 -1.85
CA SER A 33 7.42 10.22 -2.09
C SER A 33 7.58 11.16 -0.90
N GLU A 34 8.43 12.17 -1.02
CA GLU A 34 8.63 13.11 0.09
C GLU A 34 7.40 13.94 0.38
N PHE A 35 6.62 14.25 -0.66
CA PHE A 35 5.41 15.06 -0.46
C PHE A 35 4.05 14.37 -0.52
N TYR A 36 3.97 13.14 -1.04
CA TYR A 36 2.68 12.48 -1.16
C TYR A 36 2.38 11.19 -0.40
N ILE A 37 1.16 11.12 0.10
CA ILE A 37 0.69 9.96 0.84
C ILE A 37 -0.50 9.37 0.09
N LEU A 38 -0.54 8.05 -0.06
CA LEU A 38 -1.66 7.40 -0.73
C LEU A 38 -2.56 6.84 0.35
N THR A 39 -3.85 7.12 0.23
CA THR A 39 -4.79 6.63 1.24
C THR A 39 -6.17 6.30 0.61
N ALA A 40 -7.10 5.84 1.42
CA ALA A 40 -8.44 5.51 0.94
C ALA A 40 -9.27 6.78 0.93
N ALA A 41 -10.13 6.93 -0.06
CA ALA A 41 -10.97 8.11 -0.14
C ALA A 41 -12.02 8.15 0.96
N HIS A 42 -12.47 6.98 1.41
CA HIS A 42 -13.49 6.94 2.44
C HIS A 42 -12.96 7.30 3.81
N CYS A 43 -11.64 7.41 3.96
CA CYS A 43 -11.05 7.76 5.25
C CYS A 43 -11.24 9.26 5.52
N LEU A 44 -11.38 10.05 4.45
CA LEU A 44 -11.54 11.50 4.59
C LEU A 44 -12.89 11.93 5.17
N TYR A 45 -13.69 10.96 5.59
CA TYR A 45 -15.00 11.25 6.16
C TYR A 45 -15.01 11.06 7.69
N GLN A 46 -14.01 10.35 8.20
CA GLN A 46 -13.91 10.07 9.64
C GLN A 46 -13.15 11.14 10.44
N ALA A 47 -13.06 12.35 9.89
CA ALA A 47 -12.39 13.46 10.56
C ALA A 47 -12.53 14.79 9.82
N LYS A 48 -12.60 15.88 10.59
CA LYS A 48 -12.74 17.23 10.05
C LYS A 48 -11.38 17.88 9.83
N ARG A 49 -10.37 17.40 10.55
CA ARG A 49 -9.01 17.90 10.44
C ARG A 49 -8.10 16.78 10.92
N PHE A 50 -7.16 16.38 10.06
CA PHE A 50 -6.24 15.30 10.39
C PHE A 50 -4.83 15.61 9.92
N LYS A 51 -3.87 14.88 10.47
CA LYS A 51 -2.47 15.05 10.09
C LYS A 51 -1.93 13.66 9.78
N VAL A 52 -0.72 13.61 9.26
CA VAL A 52 -0.09 12.34 8.92
C VAL A 52 1.14 12.10 9.77
N ARG A 53 1.27 10.89 10.32
CA ARG A 53 2.42 10.54 11.13
C ARG A 53 3.17 9.38 10.49
N VAL A 54 4.48 9.54 10.32
CA VAL A 54 5.34 8.51 9.74
C VAL A 54 6.45 8.13 10.73
N GLY A 55 7.09 7.00 10.48
CA GLY A 55 8.15 6.55 11.36
C GLY A 55 7.66 5.99 12.67
N ASP A 56 6.36 5.73 12.76
CA ASP A 56 5.76 5.22 13.98
C ASP A 56 5.55 3.71 13.96
N ARG A 57 5.84 3.07 15.09
CA ARG A 57 5.67 1.63 15.21
C ARG A 57 5.00 1.27 16.53
N ASN A 58 5.05 2.20 17.49
CA ASN A 58 4.46 1.99 18.80
C ASN A 58 3.82 3.27 19.31
N THR A 59 2.50 3.36 19.20
CA THR A 59 1.79 4.55 19.67
C THR A 59 1.96 4.74 21.16
N GLU A 60 2.52 3.75 21.83
CA GLU A 60 2.74 3.76 23.28
C GLU A 60 3.86 4.69 23.73
N GLN A 61 4.88 4.85 22.89
CA GLN A 61 5.99 5.72 23.24
C GLN A 61 6.42 6.61 22.10
N GLU A 62 7.69 6.95 22.09
CA GLU A 62 8.27 7.78 21.05
C GLU A 62 9.70 7.30 20.85
N GLU A 63 9.96 6.71 19.69
CA GLU A 63 11.30 6.22 19.37
C GLU A 63 12.16 7.34 18.82
N GLY A 64 11.52 8.30 18.15
CA GLY A 64 12.28 9.41 17.60
C GLY A 64 12.16 9.56 16.10
N GLY A 65 12.23 8.44 15.38
CA GLY A 65 12.12 8.49 13.93
C GLY A 65 10.78 8.99 13.47
N GLU A 66 9.84 9.13 14.41
CA GLU A 66 8.50 9.60 14.09
C GLU A 66 8.48 11.04 13.63
N ALA A 67 7.47 11.38 12.85
CA ALA A 67 7.34 12.74 12.35
C ALA A 67 5.89 12.93 11.96
N VAL A 68 5.32 14.03 12.43
CA VAL A 68 3.95 14.36 12.14
C VAL A 68 4.01 15.37 11.01
N HIS A 69 3.10 15.24 10.04
CA HIS A 69 3.08 16.13 8.89
C HIS A 69 1.70 16.68 8.61
N GLU A 70 1.62 17.99 8.47
CA GLU A 70 0.36 18.65 8.20
C GLU A 70 0.05 18.45 6.74
N VAL A 71 -1.25 18.43 6.42
CA VAL A 71 -1.70 18.23 5.04
C VAL A 71 -1.94 19.55 4.30
N GLU A 72 -1.31 19.68 3.13
CA GLU A 72 -1.46 20.89 2.32
C GLU A 72 -2.67 20.72 1.42
N VAL A 73 -2.69 19.65 0.63
CA VAL A 73 -3.82 19.39 -0.26
C VAL A 73 -4.23 17.92 -0.21
N VAL A 74 -5.53 17.68 -0.25
CA VAL A 74 -6.04 16.33 -0.27
C VAL A 74 -6.78 16.15 -1.60
N ILE A 75 -6.31 15.17 -2.38
CA ILE A 75 -6.90 14.88 -3.69
C ILE A 75 -7.74 13.61 -3.61
N LYS A 76 -9.05 13.78 -3.46
CA LYS A 76 -10.01 12.69 -3.39
C LYS A 76 -10.44 12.36 -4.81
N HIS A 77 -10.69 11.08 -5.11
CA HIS A 77 -11.12 10.70 -6.46
C HIS A 77 -12.50 11.26 -6.79
N ASN A 78 -12.61 11.91 -7.94
CA ASN A 78 -13.86 12.52 -8.39
C ASN A 78 -15.03 11.54 -8.47
N ARG A 79 -14.79 10.33 -8.95
CA ARG A 79 -15.85 9.33 -9.09
C ARG A 79 -16.05 8.42 -7.88
N PHE A 80 -15.44 8.74 -6.74
CA PHE A 80 -15.62 7.90 -5.56
C PHE A 80 -17.05 8.00 -5.09
N THR A 81 -17.69 6.85 -4.92
CA THR A 81 -19.07 6.86 -4.46
C THR A 81 -19.20 6.07 -3.15
N LYS A 82 -19.49 6.81 -2.09
CA LYS A 82 -19.63 6.23 -0.76
C LYS A 82 -20.39 4.91 -0.73
N GLU A 83 -21.59 4.90 -1.30
CA GLU A 83 -22.45 3.72 -1.31
C GLU A 83 -21.90 2.40 -1.83
N THR A 84 -21.12 2.44 -2.91
CA THR A 84 -20.57 1.24 -3.50
C THR A 84 -19.12 0.95 -3.11
N TYR A 85 -18.47 1.94 -2.50
CA TYR A 85 -17.07 1.82 -2.09
C TYR A 85 -16.18 1.79 -3.31
N ASP A 86 -16.75 2.16 -4.45
CA ASP A 86 -16.00 2.19 -5.70
C ASP A 86 -15.15 3.44 -5.75
N PHE A 87 -13.99 3.33 -6.39
CA PHE A 87 -13.04 4.44 -6.52
C PHE A 87 -12.63 4.92 -5.13
N ASP A 88 -12.20 3.97 -4.30
CA ASP A 88 -11.76 4.23 -2.92
C ASP A 88 -10.28 4.58 -2.90
N ILE A 89 -9.95 5.78 -3.39
CA ILE A 89 -8.56 6.22 -3.45
C ILE A 89 -8.46 7.73 -3.34
N ALA A 90 -7.42 8.19 -2.65
CA ALA A 90 -7.19 9.61 -2.46
C ALA A 90 -5.70 9.81 -2.24
N VAL A 91 -5.21 10.99 -2.63
CA VAL A 91 -3.80 11.30 -2.47
C VAL A 91 -3.62 12.57 -1.64
N LEU A 92 -2.71 12.53 -0.67
CA LEU A 92 -2.48 13.69 0.18
C LEU A 92 -1.11 14.33 -0.03
N ARG A 93 -1.12 15.64 -0.28
CA ARG A 93 0.11 16.39 -0.47
C ARG A 93 0.42 17.01 0.89
N LEU A 94 1.64 16.76 1.39
CA LEU A 94 2.08 17.27 2.67
C LEU A 94 2.64 18.67 2.58
N LYS A 95 2.43 19.48 3.62
CA LYS A 95 2.95 20.85 3.63
C LYS A 95 4.48 20.88 3.64
N THR A 96 5.10 19.98 4.38
CA THR A 96 6.56 19.90 4.41
C THR A 96 7.03 18.50 3.98
N PRO A 97 8.19 18.41 3.32
CA PRO A 97 8.70 17.11 2.86
C PRO A 97 9.05 16.11 3.95
N ILE A 98 8.86 14.84 3.66
CA ILE A 98 9.21 13.79 4.61
C ILE A 98 10.70 13.50 4.43
N THR A 99 11.43 13.47 5.53
CA THR A 99 12.85 13.19 5.47
C THR A 99 13.05 11.70 5.74
N PHE A 100 13.37 10.96 4.69
CA PHE A 100 13.58 9.53 4.78
C PHE A 100 14.70 9.23 5.77
N ARG A 101 14.50 8.16 6.52
CA ARG A 101 15.46 7.73 7.52
C ARG A 101 15.02 6.33 7.89
N MET A 102 15.58 5.78 8.96
CA MET A 102 15.18 4.45 9.39
C MET A 102 13.68 4.51 9.68
N ASN A 103 12.95 3.49 9.24
CA ASN A 103 11.51 3.41 9.45
C ASN A 103 10.73 4.47 8.68
N VAL A 104 11.39 5.18 7.77
CA VAL A 104 10.72 6.20 6.97
C VAL A 104 11.30 6.21 5.55
N ALA A 105 10.62 5.53 4.64
CA ALA A 105 11.05 5.44 3.24
C ALA A 105 9.82 5.19 2.37
N PRO A 106 9.86 5.57 1.08
CA PRO A 106 8.70 5.35 0.22
C PRO A 106 8.59 3.96 -0.35
N ALA A 107 7.43 3.68 -0.93
CA ALA A 107 7.17 2.40 -1.58
C ALA A 107 7.23 2.72 -3.08
N CYS A 108 7.56 1.74 -3.91
CA CYS A 108 7.63 2.01 -5.33
C CYS A 108 6.27 1.88 -6.01
N LEU A 109 6.03 2.78 -6.96
CA LEU A 109 4.81 2.73 -7.75
C LEU A 109 5.21 1.88 -8.95
N PRO A 110 4.41 0.84 -9.27
CA PRO A 110 4.79 0.02 -10.43
C PRO A 110 4.17 0.51 -11.73
N GLU A 111 4.41 -0.25 -12.78
CA GLU A 111 3.85 0.00 -14.11
C GLU A 111 2.64 -0.92 -14.14
N ARG A 112 1.52 -0.41 -14.64
CA ARG A 112 0.30 -1.21 -14.71
C ARG A 112 0.47 -2.62 -15.30
N ASP A 113 0.73 -2.70 -16.60
CA ASP A 113 0.90 -3.99 -17.28
C ASP A 113 1.80 -4.95 -16.52
N TRP A 114 3.02 -4.51 -16.21
CA TRP A 114 3.97 -5.37 -15.49
C TRP A 114 3.43 -5.81 -14.13
N ALA A 115 2.84 -4.86 -13.40
CA ALA A 115 2.29 -5.14 -12.09
C ALA A 115 1.22 -6.24 -12.14
N GLU A 116 0.17 -6.01 -12.94
CA GLU A 116 -0.92 -6.96 -13.08
C GLU A 116 -0.47 -8.31 -13.63
N SER A 117 0.51 -8.28 -14.52
CA SER A 117 1.01 -9.52 -15.12
C SER A 117 2.04 -10.25 -14.28
N THR A 118 2.84 -9.49 -13.52
CA THR A 118 3.89 -10.09 -12.71
C THR A 118 3.74 -9.94 -11.21
N LEU A 119 3.28 -8.78 -10.77
CA LEU A 119 3.12 -8.54 -9.34
C LEU A 119 1.87 -9.17 -8.78
N MET A 120 0.74 -8.94 -9.42
CA MET A 120 -0.53 -9.49 -8.94
C MET A 120 -0.73 -10.94 -9.30
N THR A 121 0.29 -11.55 -9.85
CA THR A 121 0.23 -12.95 -10.21
C THR A 121 1.03 -13.70 -9.15
N GLN A 122 1.70 -12.93 -8.29
CA GLN A 122 2.50 -13.48 -7.20
C GLN A 122 1.55 -14.18 -6.25
N LYS A 123 2.08 -15.07 -5.44
CA LYS A 123 1.25 -15.80 -4.50
C LYS A 123 0.72 -14.89 -3.40
N THR A 124 1.62 -14.16 -2.77
CA THR A 124 1.26 -13.32 -1.64
C THR A 124 1.44 -11.81 -1.79
N GLY A 125 0.81 -11.08 -0.87
CA GLY A 125 0.89 -9.63 -0.80
C GLY A 125 1.09 -9.30 0.67
N ILE A 126 1.45 -8.05 0.99
CA ILE A 126 1.64 -7.65 2.40
C ILE A 126 0.81 -6.44 2.75
N VAL A 127 0.00 -6.58 3.79
CA VAL A 127 -0.85 -5.49 4.26
C VAL A 127 -0.40 -5.16 5.68
N SER A 128 -0.48 -3.89 6.07
CA SER A 128 -0.06 -3.50 7.42
C SER A 128 -0.85 -2.33 7.98
N GLY A 129 -0.72 -2.13 9.31
CA GLY A 129 -1.43 -1.03 9.96
C GLY A 129 -1.67 -1.17 11.46
N PHE A 130 -2.33 -0.17 12.03
CA PHE A 130 -2.65 -0.13 13.47
C PHE A 130 -4.14 -0.39 13.72
N GLY A 131 -4.79 -1.10 12.80
CA GLY A 131 -6.20 -1.40 12.94
C GLY A 131 -6.44 -2.49 13.97
N ARG A 132 -7.71 -2.84 14.17
CA ARG A 132 -8.06 -3.87 15.14
C ARG A 132 -7.33 -5.18 14.97
N THR A 133 -7.20 -5.91 16.07
CA THR A 133 -6.53 -7.20 16.12
C THR A 133 -7.58 -8.30 16.10
N HIS A 134 -8.84 -7.88 16.23
CA HIS A 134 -10.02 -8.74 16.22
C HIS A 134 -11.18 -7.89 15.71
N GLU A 135 -12.20 -8.53 15.15
CA GLU A 135 -13.36 -7.81 14.62
C GLU A 135 -14.02 -6.79 15.56
N LYS A 136 -14.21 -7.14 16.83
CA LYS A 136 -14.86 -6.24 17.78
C LYS A 136 -13.90 -5.58 18.78
N GLY A 137 -12.60 -5.69 18.54
CA GLY A 137 -11.61 -5.11 19.43
C GLY A 137 -11.26 -3.65 19.24
N ARG A 138 -10.24 -3.21 19.98
CA ARG A 138 -9.77 -1.82 19.94
C ARG A 138 -8.64 -1.72 18.90
N GLN A 139 -8.29 -0.50 18.51
CA GLN A 139 -7.23 -0.28 17.53
C GLN A 139 -5.92 -0.84 18.07
N SER A 140 -5.05 -1.28 17.17
CA SER A 140 -3.77 -1.82 17.62
C SER A 140 -2.83 -0.72 18.07
N THR A 141 -1.91 -1.08 18.96
CA THR A 141 -0.94 -0.14 19.51
C THR A 141 0.42 -0.30 18.83
N ARG A 142 0.64 -1.49 18.26
CA ARG A 142 1.88 -1.78 17.56
C ARG A 142 1.55 -2.02 16.09
N LEU A 143 2.38 -1.47 15.21
CA LEU A 143 2.21 -1.64 13.78
C LEU A 143 2.39 -3.12 13.48
N LYS A 144 1.47 -3.68 12.70
CA LYS A 144 1.54 -5.09 12.34
C LYS A 144 1.55 -5.26 10.81
N MET A 145 1.99 -6.42 10.35
CA MET A 145 2.02 -6.74 8.92
C MET A 145 1.50 -8.19 8.74
N LEU A 146 0.78 -8.43 7.65
CA LEU A 146 0.21 -9.76 7.38
C LEU A 146 0.46 -10.15 5.93
N GLU A 147 0.78 -11.42 5.71
CA GLU A 147 0.98 -11.92 4.35
C GLU A 147 -0.39 -12.38 3.87
N VAL A 148 -0.92 -11.74 2.83
CA VAL A 148 -2.24 -12.12 2.33
C VAL A 148 -2.21 -12.61 0.89
N PRO A 149 -2.65 -13.86 0.66
CA PRO A 149 -2.68 -14.46 -0.68
C PRO A 149 -3.64 -13.73 -1.59
N TYR A 150 -3.26 -13.63 -2.85
CA TYR A 150 -4.12 -12.98 -3.83
C TYR A 150 -5.26 -13.97 -4.01
N VAL A 151 -6.50 -13.48 -4.05
CA VAL A 151 -7.66 -14.34 -4.20
C VAL A 151 -8.22 -14.30 -5.62
N ASP A 152 -8.62 -15.46 -6.10
CA ASP A 152 -9.17 -15.57 -7.45
C ASP A 152 -10.37 -14.66 -7.62
N ARG A 153 -10.29 -13.82 -8.63
CA ARG A 153 -11.35 -12.86 -8.92
C ARG A 153 -12.79 -13.40 -8.89
N ASN A 154 -13.01 -14.56 -9.49
CA ASN A 154 -14.35 -15.14 -9.52
C ASN A 154 -14.79 -15.69 -8.15
N SER A 155 -13.91 -16.44 -7.49
CA SER A 155 -14.25 -16.98 -6.17
C SER A 155 -14.44 -15.83 -5.18
N CYS A 156 -13.83 -14.69 -5.46
CA CYS A 156 -13.95 -13.54 -4.59
C CYS A 156 -15.23 -12.79 -4.93
N LYS A 157 -15.55 -12.72 -6.22
CA LYS A 157 -16.77 -12.04 -6.65
C LYS A 157 -17.94 -12.85 -6.09
N LEU A 158 -17.74 -14.15 -5.99
CA LEU A 158 -18.76 -15.05 -5.49
C LEU A 158 -18.92 -15.05 -3.97
N SER A 159 -17.82 -14.83 -3.24
CA SER A 159 -17.90 -14.84 -1.78
C SER A 159 -18.51 -13.56 -1.21
N SER A 160 -18.33 -12.46 -1.92
CA SER A 160 -18.82 -11.16 -1.48
C SER A 160 -20.32 -10.94 -1.59
N SER A 161 -20.91 -10.34 -0.56
CA SER A 161 -22.34 -10.06 -0.56
C SER A 161 -22.60 -8.83 -1.42
N PHE A 162 -21.54 -8.09 -1.72
CA PHE A 162 -21.66 -6.86 -2.51
C PHE A 162 -20.84 -6.86 -3.78
N ILE A 163 -21.23 -6.03 -4.73
CA ILE A 163 -20.55 -5.96 -6.01
C ILE A 163 -19.07 -5.63 -5.90
N ILE A 164 -18.24 -6.48 -6.51
CA ILE A 164 -16.80 -6.26 -6.52
C ILE A 164 -16.54 -5.58 -7.86
N THR A 165 -16.38 -4.26 -7.83
CA THR A 165 -16.16 -3.52 -9.06
C THR A 165 -14.79 -3.81 -9.66
N GLN A 166 -14.54 -3.24 -10.84
CA GLN A 166 -13.28 -3.43 -11.54
C GLN A 166 -12.13 -2.68 -10.87
N ASN A 167 -12.47 -1.83 -9.90
CA ASN A 167 -11.48 -1.05 -9.15
C ASN A 167 -11.17 -1.67 -7.78
N MET A 168 -11.48 -2.95 -7.63
CA MET A 168 -11.22 -3.63 -6.36
C MET A 168 -10.73 -5.02 -6.63
N PHE A 169 -10.07 -5.62 -5.65
CA PHE A 169 -9.60 -7.00 -5.77
C PHE A 169 -9.63 -7.63 -4.39
N CYS A 170 -9.54 -8.95 -4.32
CA CYS A 170 -9.59 -9.64 -3.04
C CYS A 170 -8.25 -10.22 -2.62
N ALA A 171 -8.07 -10.32 -1.31
CA ALA A 171 -6.85 -10.88 -0.74
C ALA A 171 -7.16 -11.35 0.67
N GLY A 172 -6.45 -12.39 1.10
CA GLY A 172 -6.69 -12.90 2.43
C GLY A 172 -6.99 -14.38 2.45
N TYR A 173 -7.68 -14.82 3.48
CA TYR A 173 -8.04 -16.23 3.64
C TYR A 173 -9.55 -16.43 3.72
N ASP A 174 -9.99 -17.63 3.36
CA ASP A 174 -11.40 -17.94 3.39
C ASP A 174 -11.80 -18.26 4.84
N THR A 175 -11.02 -19.10 5.50
CA THR A 175 -11.35 -19.45 6.86
C THR A 175 -10.31 -18.99 7.88
N LYS A 176 -9.04 -19.00 7.49
CA LYS A 176 -7.95 -18.58 8.37
C LYS A 176 -8.23 -17.19 8.97
N GLN A 177 -8.03 -17.05 10.28
CA GLN A 177 -8.28 -15.78 10.96
C GLN A 177 -7.12 -14.77 10.83
N GLU A 178 -6.93 -14.28 9.61
CA GLU A 178 -5.90 -13.29 9.28
C GLU A 178 -6.60 -12.43 8.25
N ASP A 179 -6.59 -11.12 8.44
CA ASP A 179 -7.27 -10.21 7.51
C ASP A 179 -7.12 -8.80 8.04
N ALA A 180 -7.09 -7.81 7.15
CA ALA A 180 -6.99 -6.43 7.61
C ALA A 180 -8.26 -6.21 8.42
N CYS A 181 -8.44 -5.01 8.98
CA CYS A 181 -9.63 -4.69 9.76
C CYS A 181 -9.79 -3.18 9.92
N GLN A 182 -10.79 -2.76 10.67
CA GLN A 182 -11.01 -1.33 10.87
C GLN A 182 -9.77 -0.64 11.43
N GLY A 183 -9.39 0.48 10.83
CA GLY A 183 -8.21 1.19 11.29
C GLY A 183 -7.05 1.01 10.34
N ASP A 184 -7.03 -0.13 9.65
CA ASP A 184 -5.99 -0.45 8.68
C ASP A 184 -6.35 0.20 7.34
N SER A 185 -7.61 0.61 7.21
CA SER A 185 -8.13 1.22 5.99
C SER A 185 -7.30 2.41 5.50
N GLY A 186 -7.05 2.44 4.20
CA GLY A 186 -6.26 3.52 3.61
C GLY A 186 -4.81 3.08 3.61
N GLY A 187 -4.54 2.04 4.39
CA GLY A 187 -3.20 1.49 4.53
C GLY A 187 -2.61 0.84 3.30
N PRO A 188 -1.33 0.44 3.37
CA PRO A 188 -0.66 -0.20 2.24
C PRO A 188 -0.78 -1.70 2.01
N HIS A 189 -0.98 -2.06 0.75
CA HIS A 189 -1.00 -3.45 0.34
C HIS A 189 0.19 -3.39 -0.59
N VAL A 190 1.20 -4.19 -0.32
CA VAL A 190 2.40 -4.13 -1.11
C VAL A 190 2.86 -5.50 -1.55
N THR A 191 3.50 -5.58 -2.71
CA THR A 191 4.00 -6.86 -3.22
C THR A 191 5.51 -6.80 -3.37
N ARG A 192 6.18 -7.79 -2.84
CA ARG A 192 7.62 -7.85 -2.89
C ARG A 192 8.12 -8.59 -4.12
N PHE A 193 9.01 -7.96 -4.86
CA PHE A 193 9.61 -8.58 -6.03
C PHE A 193 11.10 -8.36 -5.95
N LYS A 194 11.83 -9.44 -5.70
CA LYS A 194 13.29 -9.38 -5.58
C LYS A 194 13.72 -8.35 -4.53
N ASP A 195 13.16 -8.47 -3.33
CA ASP A 195 13.50 -7.56 -2.25
C ASP A 195 13.14 -6.12 -2.49
N THR A 196 12.24 -5.86 -3.44
CA THR A 196 11.79 -4.50 -3.70
C THR A 196 10.28 -4.57 -3.56
N TYR A 197 9.71 -3.64 -2.79
CA TYR A 197 8.28 -3.63 -2.55
C TYR A 197 7.53 -2.60 -3.37
N PHE A 198 6.51 -3.04 -4.10
CA PHE A 198 5.70 -2.17 -4.93
C PHE A 198 4.29 -2.03 -4.42
N VAL A 199 3.76 -0.81 -4.51
CA VAL A 199 2.40 -0.54 -4.07
C VAL A 199 1.44 -1.27 -5.01
N THR A 200 0.66 -2.22 -4.49
CA THR A 200 -0.30 -2.95 -5.32
C THR A 200 -1.76 -2.74 -4.91
N GLY A 201 -1.98 -2.21 -3.72
CA GLY A 201 -3.35 -1.99 -3.28
C GLY A 201 -3.46 -1.09 -2.06
N ILE A 202 -4.70 -0.67 -1.77
CA ILE A 202 -5.02 0.17 -0.63
C ILE A 202 -6.06 -0.56 0.24
N VAL A 203 -5.80 -0.74 1.54
CA VAL A 203 -6.78 -1.41 2.39
C VAL A 203 -8.12 -0.64 2.28
N SER A 204 -9.12 -1.31 1.72
CA SER A 204 -10.43 -0.70 1.50
C SER A 204 -11.53 -1.16 2.45
N TRP A 205 -12.00 -2.39 2.28
CA TRP A 205 -13.05 -2.90 3.14
C TRP A 205 -13.17 -4.42 3.17
N GLY A 206 -14.25 -4.87 3.79
CA GLY A 206 -14.54 -6.28 3.90
C GLY A 206 -15.75 -6.35 4.78
N GLU A 207 -16.43 -7.49 4.82
CA GLU A 207 -17.61 -7.62 5.65
C GLU A 207 -17.07 -8.13 6.97
N GLY A 208 -16.97 -7.25 7.95
CA GLY A 208 -16.41 -7.65 9.22
C GLY A 208 -14.92 -7.86 9.04
N CYS A 209 -14.34 -8.76 9.83
CA CYS A 209 -12.91 -9.02 9.73
C CYS A 209 -12.58 -10.49 9.95
N ALA A 210 -11.89 -11.08 8.97
CA ALA A 210 -11.47 -12.48 9.02
C ALA A 210 -12.63 -13.46 9.17
N ARG A 211 -13.78 -13.10 8.65
CA ARG A 211 -14.97 -13.95 8.72
C ARG A 211 -14.82 -15.12 7.75
N LYS A 212 -15.38 -16.26 8.12
CA LYS A 212 -15.33 -17.46 7.28
C LYS A 212 -16.02 -17.20 5.95
N GLY A 213 -15.37 -17.59 4.85
CA GLY A 213 -15.94 -17.40 3.53
C GLY A 213 -15.92 -15.98 2.97
N LYS A 214 -15.40 -15.04 3.76
CA LYS A 214 -15.32 -13.65 3.34
C LYS A 214 -13.85 -13.25 3.20
N TYR A 215 -13.55 -12.39 2.23
CA TYR A 215 -12.17 -11.96 2.02
C TYR A 215 -11.98 -10.47 2.30
N GLY A 216 -10.75 -10.00 2.09
CA GLY A 216 -10.43 -8.60 2.28
C GLY A 216 -10.48 -7.91 0.93
N ILE A 217 -11.10 -6.74 0.87
CA ILE A 217 -11.20 -6.01 -0.39
C ILE A 217 -10.24 -4.81 -0.42
N TYR A 218 -9.49 -4.71 -1.50
CA TYR A 218 -8.51 -3.64 -1.69
C TYR A 218 -8.76 -2.89 -2.98
N THR A 219 -8.44 -1.60 -2.95
CA THR A 219 -8.57 -0.78 -4.15
C THR A 219 -7.46 -1.30 -5.07
N LYS A 220 -7.76 -1.41 -6.36
CA LYS A 220 -6.79 -1.90 -7.32
C LYS A 220 -5.96 -0.72 -7.76
N VAL A 221 -4.80 -0.56 -7.13
CA VAL A 221 -3.91 0.55 -7.45
C VAL A 221 -3.53 0.62 -8.93
N THR A 222 -3.11 -0.51 -9.49
CA THR A 222 -2.71 -0.58 -10.90
C THR A 222 -3.71 0.04 -11.86
N ALA A 223 -4.94 0.22 -11.42
CA ALA A 223 -5.97 0.81 -12.26
C ALA A 223 -5.96 2.32 -12.16
N PHE A 224 -5.25 2.87 -11.17
CA PHE A 224 -5.22 4.31 -10.95
C PHE A 224 -3.85 4.93 -11.10
N LEU A 225 -2.92 4.20 -11.70
CA LEU A 225 -1.55 4.68 -11.86
C LEU A 225 -1.49 6.03 -12.58
N LYS A 226 -2.24 6.16 -13.66
CA LYS A 226 -2.27 7.39 -14.44
C LYS A 226 -2.79 8.54 -13.60
N TRP A 227 -3.82 8.28 -12.82
CA TRP A 227 -4.47 9.25 -11.94
C TRP A 227 -3.58 9.67 -10.77
N ILE A 228 -2.83 8.72 -10.24
CA ILE A 228 -1.92 8.99 -9.13
C ILE A 228 -0.80 9.89 -9.63
N ASP A 229 -0.32 9.60 -10.85
CA ASP A 229 0.75 10.38 -11.46
C ASP A 229 0.30 11.82 -11.59
N ARG A 230 -0.86 12.04 -12.20
CA ARG A 230 -1.37 13.39 -12.37
C ARG A 230 -1.56 14.06 -11.03
N SER A 231 -2.04 13.31 -10.04
CA SER A 231 -2.25 13.87 -8.72
C SER A 231 -0.95 14.34 -8.06
N MET A 232 0.12 13.57 -8.25
CA MET A 232 1.41 13.90 -7.65
C MET A 232 2.13 15.03 -8.38
N LYS A 233 1.67 15.35 -9.58
CA LYS A 233 2.28 16.42 -10.38
C LYS A 233 1.60 17.77 -10.19
N THR A 234 0.37 17.77 -9.68
CA THR A 234 -0.36 19.02 -9.49
C THR A 234 -1.20 19.05 -8.21
N LEU B 83 10.12 -14.60 -23.12
CA LEU B 83 10.73 -13.25 -22.95
C LEU B 83 10.45 -12.76 -21.53
N CYS B 84 9.69 -11.68 -21.39
CA CYS B 84 9.38 -11.16 -20.07
C CYS B 84 8.63 -12.18 -19.23
N SER B 85 8.18 -13.26 -19.86
CA SER B 85 7.43 -14.29 -19.16
C SER B 85 8.29 -15.46 -18.75
N LEU B 86 9.58 -15.45 -19.12
CA LEU B 86 10.46 -16.55 -18.75
C LEU B 86 10.82 -16.41 -17.27
N ASP B 87 11.57 -15.38 -16.95
CA ASP B 87 11.96 -15.13 -15.58
C ASP B 87 12.01 -13.62 -15.46
N ASN B 88 10.87 -12.99 -15.75
CA ASN B 88 10.73 -11.55 -15.75
C ASN B 88 11.74 -11.00 -16.74
N GLY B 89 12.21 -11.86 -17.63
CA GLY B 89 13.17 -11.45 -18.65
C GLY B 89 14.55 -11.17 -18.12
N ASP B 90 14.80 -11.57 -16.87
CA ASP B 90 16.08 -11.37 -16.18
C ASP B 90 16.25 -9.94 -15.68
N CYS B 91 15.16 -9.18 -15.70
CA CYS B 91 15.17 -7.81 -15.20
C CYS B 91 14.93 -7.83 -13.69
N ASP B 92 15.37 -6.77 -13.03
CA ASP B 92 15.17 -6.66 -11.59
C ASP B 92 13.72 -6.20 -11.39
N GLN B 93 13.29 -5.27 -12.24
CA GLN B 93 11.94 -4.72 -12.12
C GLN B 93 11.10 -4.80 -13.40
N PHE B 94 10.70 -3.64 -13.90
CA PHE B 94 9.86 -3.58 -15.09
C PHE B 94 10.47 -4.31 -16.29
N CYS B 95 9.61 -4.99 -17.03
CA CYS B 95 10.00 -5.73 -18.22
C CYS B 95 8.96 -5.50 -19.33
N HIS B 96 9.42 -5.22 -20.54
CA HIS B 96 8.56 -5.00 -21.70
C HIS B 96 9.14 -5.82 -22.85
N GLU B 97 8.26 -6.41 -23.66
CA GLU B 97 8.69 -7.25 -24.79
C GLU B 97 8.76 -6.53 -26.13
N GLU B 98 9.34 -5.32 -26.14
CA GLU B 98 9.46 -4.54 -27.37
C GLU B 98 10.16 -5.32 -28.48
N GLN B 99 9.59 -5.25 -29.69
CA GLN B 99 10.14 -5.92 -30.87
C GLN B 99 10.68 -7.33 -30.69
N ASN B 100 9.87 -8.23 -30.14
CA ASN B 100 10.29 -9.61 -29.94
C ASN B 100 11.57 -9.71 -29.10
N SER B 101 11.85 -8.69 -28.29
CA SER B 101 13.02 -8.68 -27.44
C SER B 101 12.65 -8.15 -26.07
N VAL B 102 13.46 -8.43 -25.06
CA VAL B 102 13.19 -7.95 -23.69
C VAL B 102 13.88 -6.64 -23.41
N VAL B 103 13.16 -5.73 -22.75
CA VAL B 103 13.71 -4.43 -22.36
C VAL B 103 13.33 -4.15 -20.92
N CYS B 104 14.36 -3.95 -20.09
CA CYS B 104 14.13 -3.68 -18.67
C CYS B 104 14.21 -2.19 -18.37
N SER B 105 13.52 -1.81 -17.30
CA SER B 105 13.51 -0.42 -16.86
C SER B 105 13.25 -0.46 -15.37
N CYS B 106 13.34 0.69 -14.70
CA CYS B 106 13.16 0.71 -13.25
C CYS B 106 12.24 1.80 -12.75
N ALA B 107 11.94 1.74 -11.46
CA ALA B 107 11.09 2.72 -10.81
C ALA B 107 11.84 4.04 -10.65
N ARG B 108 11.14 5.08 -10.24
CA ARG B 108 11.74 6.39 -10.04
C ARG B 108 12.75 6.28 -8.91
N GLY B 109 13.95 6.82 -9.11
CA GLY B 109 14.97 6.76 -8.07
C GLY B 109 15.97 5.65 -8.28
N TYR B 110 15.91 5.02 -9.45
CA TYR B 110 16.81 3.93 -9.78
C TYR B 110 17.36 4.19 -11.18
N THR B 111 18.50 3.58 -11.48
CA THR B 111 19.13 3.72 -12.78
C THR B 111 19.45 2.32 -13.29
N LEU B 112 19.09 2.03 -14.53
CA LEU B 112 19.35 0.74 -15.13
C LEU B 112 20.84 0.48 -15.21
N ALA B 113 21.27 -0.65 -14.66
CA ALA B 113 22.67 -1.05 -14.66
C ALA B 113 23.22 -1.07 -16.07
N ASP B 114 24.53 -1.19 -16.18
CA ASP B 114 25.18 -1.23 -17.49
C ASP B 114 24.89 -2.53 -18.21
N ASN B 115 24.38 -3.53 -17.48
CA ASN B 115 24.04 -4.79 -18.12
C ASN B 115 22.59 -4.69 -18.58
N GLY B 116 22.04 -3.48 -18.49
CA GLY B 116 20.68 -3.23 -18.93
C GLY B 116 19.58 -4.06 -18.29
N LYS B 117 19.88 -4.68 -17.16
CA LYS B 117 18.89 -5.51 -16.48
C LYS B 117 18.69 -5.07 -15.04
N ALA B 118 19.80 -4.91 -14.30
CA ALA B 118 19.72 -4.50 -12.90
C ALA B 118 19.32 -3.04 -12.72
N CYS B 119 18.77 -2.72 -11.56
CA CYS B 119 18.35 -1.37 -11.23
C CYS B 119 19.16 -0.86 -10.07
N ILE B 120 19.86 0.25 -10.27
CA ILE B 120 20.69 0.82 -9.22
C ILE B 120 20.05 2.00 -8.51
N PRO B 121 20.04 1.97 -7.18
CA PRO B 121 19.45 3.07 -6.42
C PRO B 121 20.28 4.33 -6.62
N THR B 122 19.60 5.44 -6.83
CA THR B 122 20.24 6.74 -7.05
C THR B 122 20.53 7.48 -5.74
N GLY B 123 19.88 7.06 -4.65
CA GLY B 123 20.09 7.74 -3.40
C GLY B 123 20.14 6.84 -2.18
N PRO B 124 20.14 7.44 -0.97
CA PRO B 124 20.19 6.74 0.33
C PRO B 124 18.96 5.93 0.72
N TYR B 125 17.77 6.40 0.36
CA TYR B 125 16.53 5.69 0.69
C TYR B 125 15.67 5.46 -0.55
N PRO B 126 16.12 4.57 -1.45
CA PRO B 126 15.37 4.28 -2.66
C PRO B 126 14.03 3.65 -2.32
N CYS B 127 13.05 3.83 -3.19
CA CYS B 127 11.72 3.27 -2.95
C CYS B 127 11.71 1.75 -2.87
N GLY B 128 10.73 1.21 -2.14
CA GLY B 128 10.54 -0.23 -2.00
C GLY B 128 11.55 -1.01 -1.19
N LYS B 129 12.52 -0.33 -0.60
CA LYS B 129 13.54 -1.04 0.17
C LYS B 129 13.37 -0.85 1.67
N GLN B 130 13.32 -1.96 2.40
CA GLN B 130 13.21 -1.91 3.85
C GLN B 130 14.48 -1.21 4.36
N THR B 131 14.32 -0.32 5.35
CA THR B 131 15.45 0.41 5.89
C THR B 131 16.19 -0.34 6.98
N LEU B 132 17.41 -0.75 6.69
CA LEU B 132 18.24 -1.43 7.66
C LEU B 132 19.51 -0.62 7.78
N GLU B 133 19.36 0.66 8.17
CA GLU B 133 20.50 1.54 8.32
C GLU B 133 21.58 0.76 9.08
#